data_5UE1
#
_entry.id   5UE1
#
_cell.length_a   55.642
_cell.length_b   72.915
_cell.length_c   57.563
_cell.angle_alpha   90.00
_cell.angle_beta   109.60
_cell.angle_gamma   90.00
#
_symmetry.space_group_name_H-M   'P 1 21 1'
#
loop_
_entity.id
_entity.type
_entity.pdbx_description
1 polymer "5'-methylthioadenosine/S-adenosylhomocysteine nucleosidase"
2 non-polymer 9-DEAZAADENINE
3 non-polymer 2-AMINO-2-HYDROXYMETHYL-PROPANE-1,3-DIOL
4 non-polymer 'CALCIUM ION'
5 non-polymer 'CHLORIDE ION'
6 non-polymer 1,2-ETHANEDIOL
7 water water
#
_entity_poly.entity_id   1
_entity_poly.type   'polypeptide(L)'
_entity_poly.pdbx_seq_one_letter_code
;SNAMKIGIIGAMEQEVAILKDKIEGLSTVTKAGCTFYTGTLNGADVVLLQSGIGKVAAAVGTTLLIAEHNVDVVLNTGSA
GGFDSSLNLGDVVISTEVRHHDADVTAFGYEMGQMAQQPAAFIADEKLITTAEQALTEMSDKHAVRGLICTGDVFVCTPE
RQEFIRTHFPSVIAVEMEASAIAQTCHQFNTPFVVVRAISDVADKESPMSFDEFLPLAAQSSSEMVLNMVTLLK
;
_entity_poly.pdbx_strand_id   A,B
#
# COMPACT_ATOMS: atom_id res chain seq x y z
N ASN A 2 -25.69 -16.69 -12.34
CA ASN A 2 -24.86 -15.80 -11.44
C ASN A 2 -24.44 -16.58 -10.15
N ALA A 3 -23.14 -16.66 -9.86
CA ALA A 3 -22.61 -17.24 -8.61
C ALA A 3 -21.56 -16.29 -8.07
N MET A 4 -21.43 -16.30 -6.78
CA MET A 4 -20.35 -15.49 -6.16
C MET A 4 -18.97 -15.89 -6.74
N LYS A 5 -18.12 -14.87 -6.87
CA LYS A 5 -16.76 -15.06 -7.27
C LYS A 5 -15.89 -14.79 -6.04
N ILE A 6 -15.16 -15.78 -5.58
CA ILE A 6 -14.44 -15.67 -4.33
C ILE A 6 -12.97 -15.37 -4.59
N GLY A 7 -12.51 -14.18 -4.16
CA GLY A 7 -11.12 -13.90 -4.20
C GLY A 7 -10.38 -14.51 -2.99
N ILE A 8 -9.21 -15.08 -3.23
CA ILE A 8 -8.38 -15.65 -2.17
C ILE A 8 -7.00 -15.03 -2.38
N ILE A 9 -6.44 -14.44 -1.32
N ILE A 9 -6.44 -14.35 -1.37
CA ILE A 9 -5.15 -13.75 -1.41
CA ILE A 9 -5.11 -13.73 -1.54
C ILE A 9 -4.16 -14.37 -0.44
C ILE A 9 -4.14 -14.29 -0.49
N GLY A 10 -3.02 -14.77 -0.98
CA GLY A 10 -1.90 -15.12 -0.14
C GLY A 10 -0.66 -14.39 -0.66
N ALA A 11 0.27 -14.09 0.21
CA ALA A 11 1.47 -13.33 -0.18
C ALA A 11 2.50 -14.11 -0.90
N MET A 12 2.77 -15.33 -0.38
CA MET A 12 3.93 -16.13 -0.77
C MET A 12 3.48 -17.34 -1.57
N GLU A 13 4.40 -17.85 -2.38
CA GLU A 13 4.16 -19.08 -3.14
C GLU A 13 3.67 -20.22 -2.24
N GLN A 14 4.30 -20.41 -1.09
CA GLN A 14 3.91 -21.55 -0.26
C GLN A 14 2.51 -21.38 0.31
N GLU A 15 2.10 -20.11 0.49
CA GLU A 15 0.78 -19.81 1.01
C GLU A 15 -0.37 -20.07 0.00
N VAL A 16 -0.04 -20.07 -1.27
CA VAL A 16 -1.05 -20.29 -2.31
C VAL A 16 -0.98 -21.66 -2.95
N ALA A 17 0.13 -22.39 -2.80
CA ALA A 17 0.37 -23.56 -3.63
C ALA A 17 -0.62 -24.70 -3.36
N ILE A 18 -1.02 -24.86 -2.08
CA ILE A 18 -1.89 -25.93 -1.69
C ILE A 18 -3.24 -25.80 -2.35
N LEU A 19 -3.78 -24.58 -2.27
CA LEU A 19 -5.05 -24.28 -2.93
C LEU A 19 -4.91 -24.31 -4.46
N LYS A 20 -3.81 -23.79 -5.02
N LYS A 20 -3.81 -23.80 -5.02
CA LYS A 20 -3.60 -23.77 -6.44
CA LYS A 20 -3.64 -23.76 -6.44
C LYS A 20 -3.82 -25.16 -7.03
C LYS A 20 -3.79 -25.15 -7.05
N ASP A 21 -3.18 -26.15 -6.42
CA ASP A 21 -3.18 -27.48 -6.99
C ASP A 21 -4.54 -28.18 -6.84
N LYS A 22 -5.48 -27.64 -6.09
N LYS A 22 -5.47 -27.64 -6.07
CA LYS A 22 -6.82 -28.15 -6.04
CA LYS A 22 -6.85 -28.13 -6.01
C LYS A 22 -7.77 -27.52 -7.04
C LYS A 22 -7.82 -27.48 -6.97
N ILE A 23 -7.42 -26.39 -7.63
CA ILE A 23 -8.31 -25.73 -8.56
C ILE A 23 -8.52 -26.58 -9.81
N GLU A 24 -9.78 -26.67 -10.25
N GLU A 24 -9.77 -26.66 -10.26
CA GLU A 24 -10.15 -27.32 -11.50
CA GLU A 24 -10.10 -27.31 -11.52
C GLU A 24 -10.43 -26.25 -12.55
C GLU A 24 -10.46 -26.26 -12.56
N GLY A 25 -10.21 -26.61 -13.82
CA GLY A 25 -10.44 -25.68 -14.92
C GLY A 25 -9.56 -24.42 -14.77
N LEU A 26 -8.31 -24.66 -14.38
CA LEU A 26 -7.39 -23.59 -14.05
C LEU A 26 -7.01 -22.80 -15.27
N SER A 27 -7.02 -21.44 -15.09
CA SER A 27 -6.32 -20.53 -16.03
C SER A 27 -5.44 -19.62 -15.20
N THR A 28 -4.37 -19.13 -15.80
CA THR A 28 -3.37 -18.32 -15.16
C THR A 28 -3.12 -17.04 -15.91
N VAL A 29 -3.01 -15.95 -15.12
N VAL A 29 -3.06 -15.91 -15.19
CA VAL A 29 -2.72 -14.60 -15.59
CA VAL A 29 -2.50 -14.71 -15.80
C VAL A 29 -1.60 -14.04 -14.71
C VAL A 29 -1.59 -14.08 -14.78
N THR A 30 -0.65 -13.31 -15.28
CA THR A 30 0.29 -12.54 -14.49
C THR A 30 0.20 -11.02 -14.84
N LYS A 31 0.22 -10.15 -13.83
N LYS A 31 0.13 -10.13 -13.84
CA LYS A 31 0.18 -8.71 -14.07
CA LYS A 31 0.20 -8.68 -14.13
C LYS A 31 0.80 -8.03 -12.91
C LYS A 31 0.81 -8.03 -12.94
N ALA A 32 1.65 -7.03 -13.15
CA ALA A 32 2.23 -6.20 -12.04
C ALA A 32 2.88 -7.02 -10.95
N GLY A 33 3.50 -8.12 -11.32
CA GLY A 33 4.18 -8.90 -10.33
C GLY A 33 3.25 -9.83 -9.53
N CYS A 34 1.98 -9.87 -9.87
CA CYS A 34 0.99 -10.74 -9.30
C CYS A 34 0.63 -11.92 -10.18
N THR A 35 0.31 -13.06 -9.57
CA THR A 35 -0.20 -14.20 -10.30
C THR A 35 -1.60 -14.50 -9.86
N PHE A 36 -2.48 -14.71 -10.84
CA PHE A 36 -3.88 -15.00 -10.57
C PHE A 36 -4.24 -16.36 -11.18
N TYR A 37 -4.77 -17.22 -10.34
CA TYR A 37 -5.17 -18.58 -10.74
C TYR A 37 -6.69 -18.65 -10.64
N THR A 38 -7.38 -18.79 -11.79
CA THR A 38 -8.83 -18.76 -11.82
C THR A 38 -9.35 -20.18 -12.12
N GLY A 39 -10.41 -20.53 -11.44
CA GLY A 39 -11.09 -21.83 -11.74
C GLY A 39 -12.02 -22.09 -10.63
N THR A 40 -12.27 -23.41 -10.40
CA THR A 40 -13.19 -23.78 -9.31
C THR A 40 -12.48 -24.59 -8.21
N LEU A 41 -12.97 -24.42 -7.00
CA LEU A 41 -12.51 -25.13 -5.80
C LEU A 41 -13.72 -25.74 -5.20
N ASN A 42 -13.84 -27.10 -5.35
CA ASN A 42 -15.06 -27.79 -4.93
C ASN A 42 -16.33 -27.09 -5.44
N GLY A 43 -16.26 -26.71 -6.73
CA GLY A 43 -17.36 -26.10 -7.42
C GLY A 43 -17.58 -24.63 -7.13
N ALA A 44 -16.86 -24.02 -6.15
CA ALA A 44 -16.93 -22.59 -5.93
C ALA A 44 -16.05 -21.89 -6.97
N ASP A 45 -16.57 -20.77 -7.50
CA ASP A 45 -15.76 -19.93 -8.44
C ASP A 45 -14.78 -19.09 -7.68
N VAL A 46 -13.50 -19.32 -7.94
CA VAL A 46 -12.45 -18.58 -7.22
C VAL A 46 -11.51 -17.93 -8.19
N VAL A 47 -10.85 -16.88 -7.59
N VAL A 47 -10.80 -16.90 -7.64
CA VAL A 47 -9.66 -16.27 -8.15
CA VAL A 47 -9.57 -16.41 -8.25
C VAL A 47 -8.62 -16.24 -7.04
C VAL A 47 -8.61 -16.26 -7.10
N LEU A 48 -7.55 -17.02 -7.21
CA LEU A 48 -6.50 -17.14 -6.16
C LEU A 48 -5.33 -16.27 -6.63
N LEU A 49 -4.99 -15.33 -5.78
CA LEU A 49 -3.92 -14.33 -6.03
C LEU A 49 -2.72 -14.59 -5.15
N GLN A 50 -1.56 -14.66 -5.75
CA GLN A 50 -0.26 -14.59 -5.08
C GLN A 50 0.24 -13.15 -5.21
N SER A 51 0.15 -12.39 -4.13
CA SER A 51 0.35 -10.92 -4.23
C SER A 51 1.78 -10.49 -4.09
N GLY A 52 2.57 -11.21 -3.36
CA GLY A 52 3.78 -10.69 -2.80
C GLY A 52 3.56 -10.11 -1.39
N ILE A 53 4.68 -9.91 -0.72
CA ILE A 53 4.69 -9.51 0.68
C ILE A 53 4.58 -8.00 0.83
N GLY A 54 3.87 -7.60 1.86
CA GLY A 54 3.84 -6.23 2.31
C GLY A 54 2.64 -5.43 1.81
N LYS A 55 2.53 -4.21 2.34
CA LYS A 55 1.28 -3.48 2.19
C LYS A 55 1.05 -3.02 0.76
N VAL A 56 2.08 -2.50 0.08
CA VAL A 56 1.88 -2.06 -1.26
C VAL A 56 1.59 -3.19 -2.20
N ALA A 57 2.36 -4.27 -2.13
CA ALA A 57 2.08 -5.39 -3.00
C ALA A 57 0.67 -5.92 -2.81
N ALA A 58 0.22 -6.03 -1.55
CA ALA A 58 -1.12 -6.51 -1.28
C ALA A 58 -2.14 -5.55 -1.84
N ALA A 59 -1.93 -4.25 -1.71
CA ALA A 59 -2.90 -3.29 -2.23
C ALA A 59 -2.98 -3.34 -3.76
N VAL A 60 -1.85 -3.46 -4.44
CA VAL A 60 -1.83 -3.60 -5.90
C VAL A 60 -2.66 -4.80 -6.28
N GLY A 61 -2.34 -5.96 -5.65
CA GLY A 61 -2.99 -7.18 -6.04
C GLY A 61 -4.45 -7.17 -5.75
N THR A 62 -4.85 -6.67 -4.57
CA THR A 62 -6.26 -6.63 -4.21
C THR A 62 -7.04 -5.73 -5.15
N THR A 63 -6.44 -4.59 -5.54
CA THR A 63 -7.06 -3.72 -6.51
C THR A 63 -7.35 -4.40 -7.80
N LEU A 64 -6.33 -5.09 -8.34
CA LEU A 64 -6.57 -5.88 -9.57
C LEU A 64 -7.58 -6.95 -9.39
N LEU A 65 -7.54 -7.62 -8.25
CA LEU A 65 -8.45 -8.75 -8.01
C LEU A 65 -9.90 -8.25 -8.06
N ILE A 66 -10.18 -7.09 -7.47
CA ILE A 66 -11.53 -6.60 -7.43
C ILE A 66 -11.89 -5.91 -8.78
N ALA A 67 -11.03 -5.05 -9.27
CA ALA A 67 -11.36 -4.21 -10.42
C ALA A 67 -11.26 -4.99 -11.73
N GLU A 68 -10.32 -5.91 -11.86
CA GLU A 68 -10.11 -6.66 -13.12
C GLU A 68 -10.63 -8.07 -13.05
N HIS A 69 -10.67 -8.72 -11.88
CA HIS A 69 -11.07 -10.11 -11.79
C HIS A 69 -12.45 -10.26 -11.20
N ASN A 70 -13.12 -9.16 -10.91
N ASN A 70 -13.08 -9.16 -10.84
CA ASN A 70 -14.53 -9.17 -10.63
CA ASN A 70 -14.49 -9.12 -10.54
C ASN A 70 -14.91 -9.97 -9.40
C ASN A 70 -14.90 -9.94 -9.39
N VAL A 71 -14.04 -10.07 -8.37
CA VAL A 71 -14.43 -10.83 -7.20
C VAL A 71 -15.44 -10.12 -6.34
N ASP A 72 -16.29 -10.89 -5.66
CA ASP A 72 -17.33 -10.41 -4.81
C ASP A 72 -16.94 -10.29 -3.34
N VAL A 73 -16.01 -11.15 -2.91
CA VAL A 73 -15.54 -11.16 -1.53
C VAL A 73 -14.04 -11.54 -1.61
N VAL A 74 -13.30 -11.22 -0.50
CA VAL A 74 -11.92 -11.54 -0.41
C VAL A 74 -11.60 -12.26 0.86
N LEU A 75 -10.94 -13.42 0.73
CA LEU A 75 -10.41 -14.23 1.86
C LEU A 75 -8.90 -14.12 1.82
N ASN A 76 -8.31 -13.66 2.94
CA ASN A 76 -6.84 -13.58 3.02
C ASN A 76 -6.29 -14.77 3.82
N THR A 77 -5.44 -15.55 3.18
CA THR A 77 -4.84 -16.78 3.73
C THR A 77 -3.36 -16.55 4.00
N GLY A 78 -2.79 -17.43 4.82
CA GLY A 78 -1.38 -17.48 5.00
C GLY A 78 -0.97 -17.52 6.46
N SER A 79 0.29 -17.08 6.67
CA SER A 79 0.93 -17.13 8.02
C SER A 79 0.83 -15.79 8.74
N ALA A 80 1.01 -15.83 10.05
CA ALA A 80 0.99 -14.67 10.90
C ALA A 80 1.80 -14.93 12.14
N GLY A 81 2.22 -13.84 12.79
CA GLY A 81 2.92 -13.90 14.06
C GLY A 81 1.95 -13.77 15.20
N GLY A 82 2.00 -14.73 16.13
CA GLY A 82 1.04 -14.73 17.22
C GLY A 82 1.37 -13.75 18.32
N PHE A 83 0.35 -13.04 18.80
CA PHE A 83 0.43 -12.15 19.93
C PHE A 83 -0.49 -12.67 21.09
N ASP A 84 -1.64 -13.30 20.81
CA ASP A 84 -2.53 -13.80 21.88
C ASP A 84 -1.83 -15.01 22.54
N SER A 85 -1.76 -14.97 23.86
CA SER A 85 -1.06 -15.96 24.60
C SER A 85 -1.67 -17.37 24.52
N SER A 86 -2.96 -17.46 24.16
CA SER A 86 -3.57 -18.77 24.04
C SER A 86 -3.19 -19.45 22.75
N LEU A 87 -2.60 -18.77 21.78
CA LEU A 87 -2.27 -19.40 20.50
C LEU A 87 -1.06 -20.30 20.64
N ASN A 88 -1.09 -21.40 19.91
CA ASN A 88 0.09 -22.22 19.65
C ASN A 88 0.42 -22.19 18.18
N LEU A 89 1.64 -22.55 17.86
CA LEU A 89 2.08 -22.63 16.48
C LEU A 89 1.12 -23.53 15.71
N GLY A 90 0.68 -23.08 14.53
CA GLY A 90 -0.26 -23.75 13.70
C GLY A 90 -1.72 -23.42 13.94
N ASP A 91 -2.04 -22.73 15.04
CA ASP A 91 -3.41 -22.38 15.32
C ASP A 91 -3.92 -21.34 14.35
N VAL A 92 -5.22 -21.31 14.20
CA VAL A 92 -5.91 -20.38 13.28
C VAL A 92 -6.21 -19.07 13.94
N VAL A 93 -6.09 -17.96 13.19
CA VAL A 93 -6.60 -16.68 13.60
C VAL A 93 -7.58 -16.16 12.58
N ILE A 94 -8.73 -15.70 13.10
CA ILE A 94 -9.83 -15.17 12.29
C ILE A 94 -10.00 -13.72 12.63
N SER A 95 -9.95 -12.83 11.63
CA SER A 95 -10.11 -11.38 11.97
C SER A 95 -11.55 -11.04 12.29
N THR A 96 -11.72 -10.39 13.44
CA THR A 96 -12.90 -9.58 13.62
C THR A 96 -12.77 -8.18 12.99
N GLU A 97 -11.55 -7.66 13.04
CA GLU A 97 -11.23 -6.33 12.44
C GLU A 97 -9.73 -6.33 12.23
N VAL A 98 -9.32 -5.32 11.44
CA VAL A 98 -7.93 -5.20 11.07
C VAL A 98 -7.56 -3.74 11.22
N ARG A 99 -6.33 -3.46 11.68
CA ARG A 99 -5.77 -2.10 11.78
C ARG A 99 -4.33 -2.10 11.27
N HIS A 100 -3.91 -0.93 10.79
CA HIS A 100 -2.50 -0.67 10.55
C HIS A 100 -1.77 -0.42 11.85
N HIS A 101 -0.89 -1.28 12.31
CA HIS A 101 -0.20 -0.96 13.55
C HIS A 101 0.90 0.09 13.36
N ASP A 102 1.26 0.36 12.10
CA ASP A 102 2.37 1.25 11.79
C ASP A 102 1.93 2.60 11.19
N ALA A 103 0.63 2.90 11.23
CA ALA A 103 0.12 4.20 10.80
C ALA A 103 0.08 5.16 11.95
N ASP A 104 0.59 6.36 11.77
CA ASP A 104 0.56 7.41 12.82
C ASP A 104 0.32 8.78 12.16
N VAL A 105 -0.92 9.23 12.17
N VAL A 105 -0.93 9.19 12.22
CA VAL A 105 -1.26 10.63 11.85
CA VAL A 105 -1.38 10.47 11.74
C VAL A 105 -2.00 11.24 12.98
C VAL A 105 -2.03 11.18 12.93
N THR A 106 -1.54 10.86 14.16
CA THR A 106 -2.09 11.45 15.36
C THR A 106 -1.82 12.99 15.39
N ALA A 107 -0.86 13.48 14.58
CA ALA A 107 -0.66 14.90 14.32
C ALA A 107 -1.96 15.63 14.10
N PHE A 108 -2.86 14.98 13.36
CA PHE A 108 -4.07 15.58 12.92
C PHE A 108 -5.30 15.04 13.60
N GLY A 109 -5.14 14.46 14.79
CA GLY A 109 -6.26 14.07 15.58
C GLY A 109 -6.77 12.70 15.36
N TYR A 110 -6.22 11.94 14.43
CA TYR A 110 -6.66 10.57 14.19
C TYR A 110 -6.18 9.74 15.35
N GLU A 111 -6.82 8.63 15.58
CA GLU A 111 -6.30 7.72 16.60
C GLU A 111 -5.10 6.93 16.09
N MET A 112 -4.32 6.34 16.99
CA MET A 112 -3.14 5.59 16.53
C MET A 112 -3.56 4.45 15.62
N GLY A 113 -2.86 4.26 14.51
CA GLY A 113 -3.23 3.22 13.54
C GLY A 113 -4.18 3.66 12.48
N GLN A 114 -4.92 4.76 12.72
CA GLN A 114 -5.88 5.20 11.75
C GLN A 114 -5.20 5.99 10.64
N MET A 115 -5.37 5.60 9.42
CA MET A 115 -4.87 6.41 8.31
C MET A 115 -5.80 7.59 8.08
N ALA A 116 -5.24 8.73 7.69
CA ALA A 116 -6.02 9.85 7.33
C ALA A 116 -7.04 9.47 6.26
N GLN A 117 -8.27 9.98 6.42
CA GLN A 117 -9.37 9.77 5.45
C GLN A 117 -9.91 8.32 5.49
N GLN A 118 -9.49 7.52 6.48
CA GLN A 118 -9.92 6.13 6.59
C GLN A 118 -10.59 5.93 7.93
N PRO A 119 -11.42 4.87 8.10
CA PRO A 119 -11.85 4.55 9.43
C PRO A 119 -10.67 4.00 10.26
N ALA A 120 -10.79 4.06 11.59
CA ALA A 120 -9.72 3.55 12.43
C ALA A 120 -9.44 2.07 12.33
N ALA A 121 -10.50 1.30 12.07
CA ALA A 121 -10.44 -0.13 11.88
C ALA A 121 -11.27 -0.54 10.68
N PHE A 122 -10.90 -1.64 10.08
CA PHE A 122 -11.67 -2.25 8.96
C PHE A 122 -12.32 -3.49 9.52
N ILE A 123 -13.63 -3.56 9.43
CA ILE A 123 -14.43 -4.61 10.06
C ILE A 123 -14.61 -5.75 9.09
N ALA A 124 -14.19 -6.96 9.50
CA ALA A 124 -14.39 -8.14 8.65
C ALA A 124 -15.89 -8.46 8.53
N ASP A 125 -16.24 -9.08 7.41
CA ASP A 125 -17.64 -9.33 7.10
C ASP A 125 -18.27 -10.37 8.04
N GLU A 126 -19.46 -10.02 8.56
CA GLU A 126 -20.15 -10.93 9.49
C GLU A 126 -20.44 -12.29 8.88
N LYS A 127 -20.89 -12.37 7.65
CA LYS A 127 -21.20 -13.64 7.02
C LYS A 127 -19.93 -14.45 6.79
N LEU A 128 -18.85 -13.79 6.40
CA LEU A 128 -17.62 -14.51 6.19
C LEU A 128 -17.06 -15.05 7.49
N ILE A 129 -17.21 -14.31 8.60
CA ILE A 129 -16.79 -14.82 9.93
C ILE A 129 -17.61 -16.03 10.30
N THR A 130 -18.91 -15.98 10.10
CA THR A 130 -19.76 -17.16 10.39
C THR A 130 -19.34 -18.38 9.55
N THR A 131 -18.98 -18.17 8.30
CA THR A 131 -18.52 -19.22 7.43
C THR A 131 -17.20 -19.78 7.93
N ALA A 132 -16.29 -18.90 8.35
CA ALA A 132 -15.03 -19.34 8.96
C ALA A 132 -15.27 -20.21 10.20
N GLU A 133 -16.22 -19.82 11.04
N GLU A 133 -16.21 -19.80 11.03
CA GLU A 133 -16.53 -20.67 12.23
CA GLU A 133 -16.49 -20.54 12.27
C GLU A 133 -16.95 -22.04 11.76
C GLU A 133 -16.97 -21.93 11.95
N GLN A 134 -17.86 -22.12 10.78
N GLN A 134 -17.75 -22.08 10.90
CA GLN A 134 -18.30 -23.44 10.34
CA GLN A 134 -18.21 -23.43 10.52
C GLN A 134 -17.14 -24.26 9.76
C GLN A 134 -17.09 -24.24 9.82
N ALA A 135 -16.26 -23.61 9.00
CA ALA A 135 -15.10 -24.23 8.41
C ALA A 135 -14.16 -24.82 9.48
N LEU A 136 -14.00 -24.08 10.56
CA LEU A 136 -13.17 -24.53 11.65
C LEU A 136 -13.68 -25.82 12.27
N THR A 137 -15.02 -25.94 12.41
CA THR A 137 -15.59 -27.20 12.98
C THR A 137 -15.27 -28.43 12.20
N GLU A 138 -15.08 -28.28 10.91
CA GLU A 138 -14.74 -29.38 10.00
C GLU A 138 -13.31 -29.83 10.09
N MET A 139 -12.44 -29.03 10.74
CA MET A 139 -11.04 -29.44 10.99
C MET A 139 -11.03 -30.35 12.20
N SER A 140 -9.95 -31.10 12.34
CA SER A 140 -9.83 -32.05 13.48
C SER A 140 -9.14 -31.35 14.66
N ASP A 141 -9.96 -30.84 15.55
CA ASP A 141 -9.52 -30.28 16.81
C ASP A 141 -8.52 -29.14 16.63
N LYS A 142 -8.83 -28.22 15.73
CA LYS A 142 -8.00 -27.05 15.47
C LYS A 142 -8.49 -25.90 16.35
N HIS A 143 -7.58 -25.37 17.14
CA HIS A 143 -7.86 -24.20 17.96
C HIS A 143 -7.75 -22.91 17.11
N ALA A 144 -8.66 -21.96 17.37
CA ALA A 144 -8.59 -20.66 16.77
C ALA A 144 -8.79 -19.59 17.81
N VAL A 145 -8.36 -18.38 17.47
CA VAL A 145 -8.75 -17.20 18.22
C VAL A 145 -9.29 -16.18 17.18
N ARG A 146 -10.39 -15.52 17.55
CA ARG A 146 -11.01 -14.51 16.72
C ARG A 146 -10.70 -13.13 17.32
N GLY A 147 -10.32 -12.12 16.52
CA GLY A 147 -9.98 -10.89 17.10
C GLY A 147 -9.23 -9.98 16.12
N LEU A 148 -8.63 -8.97 16.73
CA LEU A 148 -7.90 -7.91 15.94
C LEU A 148 -6.60 -8.42 15.39
N ILE A 149 -6.45 -8.23 14.06
CA ILE A 149 -5.20 -8.50 13.38
C ILE A 149 -4.59 -7.15 13.00
N CYS A 150 -3.31 -6.97 13.32
CA CYS A 150 -2.61 -5.73 12.98
C CYS A 150 -1.51 -5.93 11.97
N THR A 151 -1.42 -4.97 11.03
CA THR A 151 -0.50 -5.14 9.96
C THR A 151 0.52 -3.97 9.95
N GLY A 152 1.72 -4.26 9.52
CA GLY A 152 2.72 -3.23 9.21
C GLY A 152 3.74 -3.76 8.25
N ASP A 153 4.55 -2.85 7.68
CA ASP A 153 5.61 -3.22 6.76
C ASP A 153 6.88 -3.70 7.47
N VAL A 154 6.70 -4.60 8.41
CA VAL A 154 7.73 -5.12 9.28
C VAL A 154 7.45 -6.58 9.63
N PHE A 155 8.50 -7.36 9.66
CA PHE A 155 8.41 -8.68 10.25
C PHE A 155 8.80 -8.51 11.73
N VAL A 156 7.82 -8.60 12.61
CA VAL A 156 8.02 -8.27 14.03
C VAL A 156 8.86 -9.33 14.71
N CYS A 157 9.96 -8.93 15.32
CA CYS A 157 10.88 -9.86 15.92
C CYS A 157 11.75 -9.24 17.00
N THR A 158 11.29 -8.20 17.62
CA THR A 158 12.02 -7.56 18.74
C THR A 158 11.01 -7.29 19.86
N PRO A 159 11.51 -7.27 21.11
CA PRO A 159 10.61 -6.96 22.23
C PRO A 159 10.10 -5.51 22.17
N GLU A 160 10.92 -4.62 21.64
CA GLU A 160 10.53 -3.21 21.56
C GLU A 160 9.33 -3.03 20.62
N ARG A 161 9.35 -3.71 19.49
N ARG A 161 9.36 -3.69 19.46
CA ARG A 161 8.29 -3.48 18.55
CA ARG A 161 8.26 -3.48 18.52
C ARG A 161 7.01 -4.18 19.08
C ARG A 161 7.00 -4.18 19.10
N GLN A 162 7.17 -5.34 19.72
CA GLN A 162 6.07 -5.97 20.37
C GLN A 162 5.40 -5.07 21.42
N GLU A 163 6.20 -4.43 22.25
CA GLU A 163 5.67 -3.56 23.27
C GLU A 163 4.97 -2.33 22.68
N PHE A 164 5.49 -1.76 21.59
CA PHE A 164 4.83 -0.62 20.92
C PHE A 164 3.42 -1.07 20.47
N ILE A 165 3.35 -2.24 19.81
CA ILE A 165 2.09 -2.71 19.24
C ILE A 165 1.11 -2.95 20.38
N ARG A 166 1.55 -3.65 21.45
CA ARG A 166 0.64 -3.93 22.55
C ARG A 166 0.21 -2.67 23.31
N THR A 167 1.07 -1.64 23.36
CA THR A 167 0.71 -0.39 23.98
C THR A 167 -0.48 0.27 23.32
N HIS A 168 -0.46 0.28 21.98
CA HIS A 168 -1.50 0.96 21.18
C HIS A 168 -2.69 0.11 20.78
N PHE A 169 -2.47 -1.22 20.68
CA PHE A 169 -3.47 -2.17 20.17
C PHE A 169 -3.53 -3.34 21.17
N PRO A 170 -3.99 -3.11 22.37
CA PRO A 170 -3.86 -4.16 23.41
C PRO A 170 -4.60 -5.43 23.09
N SER A 171 -5.68 -5.39 22.33
CA SER A 171 -6.45 -6.59 21.99
C SER A 171 -5.87 -7.41 20.82
N VAL A 172 -4.76 -6.96 20.26
CA VAL A 172 -4.17 -7.65 19.07
C VAL A 172 -3.97 -9.14 19.31
N ILE A 173 -4.38 -9.97 18.35
CA ILE A 173 -4.15 -11.40 18.46
C ILE A 173 -2.99 -11.87 17.61
N ALA A 174 -2.69 -11.14 16.52
CA ALA A 174 -1.64 -11.59 15.60
C ALA A 174 -1.24 -10.38 14.76
N VAL A 175 -0.06 -10.46 14.20
CA VAL A 175 0.51 -9.46 13.27
C VAL A 175 0.90 -10.09 11.98
N GLU A 176 0.86 -9.29 10.94
CA GLU A 176 1.34 -9.77 9.63
C GLU A 176 1.58 -8.50 8.77
N MET A 177 1.76 -8.67 7.46
CA MET A 177 2.30 -7.61 6.62
C MET A 177 1.38 -7.20 5.46
N GLU A 178 0.18 -7.82 5.31
CA GLU A 178 -0.71 -7.46 4.23
C GLU A 178 -2.11 -7.16 4.66
N ALA A 179 -2.64 -7.66 5.77
CA ALA A 179 -4.07 -7.67 5.98
C ALA A 179 -4.71 -6.31 5.96
N SER A 180 -4.06 -5.29 6.58
CA SER A 180 -4.69 -3.98 6.60
C SER A 180 -4.70 -3.34 5.24
N ALA A 181 -3.74 -3.68 4.37
CA ALA A 181 -3.79 -3.19 2.99
C ALA A 181 -4.91 -3.84 2.22
N ILE A 182 -5.10 -5.16 2.39
CA ILE A 182 -6.19 -5.84 1.80
C ILE A 182 -7.51 -5.25 2.30
N ALA A 183 -7.60 -5.09 3.63
CA ALA A 183 -8.83 -4.61 4.24
C ALA A 183 -9.18 -3.18 3.83
N GLN A 184 -8.16 -2.32 3.81
CA GLN A 184 -8.40 -0.94 3.38
C GLN A 184 -8.85 -0.90 1.94
N THR A 185 -8.15 -1.67 1.08
CA THR A 185 -8.55 -1.70 -0.32
C THR A 185 -10.00 -2.19 -0.45
N CYS A 186 -10.32 -3.26 0.28
CA CYS A 186 -11.69 -3.74 0.23
C CYS A 186 -12.69 -2.70 0.74
N HIS A 187 -12.32 -1.96 1.77
CA HIS A 187 -13.20 -0.88 2.23
C HIS A 187 -13.43 0.16 1.15
N GLN A 188 -12.37 0.53 0.45
CA GLN A 188 -12.50 1.52 -0.62
C GLN A 188 -13.39 1.05 -1.74
N PHE A 189 -13.36 -0.27 -2.02
CA PHE A 189 -14.18 -0.94 -3.03
C PHE A 189 -15.50 -1.49 -2.51
N ASN A 190 -15.83 -1.25 -1.23
CA ASN A 190 -17.07 -1.81 -0.65
C ASN A 190 -17.19 -3.31 -0.86
N THR A 191 -16.13 -4.06 -0.59
CA THR A 191 -16.04 -5.49 -0.81
C THR A 191 -15.86 -6.20 0.54
N PRO A 192 -16.69 -7.17 0.84
CA PRO A 192 -16.48 -7.94 2.07
C PRO A 192 -15.14 -8.68 2.10
N PHE A 193 -14.54 -8.70 3.30
CA PHE A 193 -13.31 -9.50 3.46
C PHE A 193 -13.29 -10.19 4.83
N VAL A 194 -12.42 -11.22 4.92
CA VAL A 194 -12.00 -11.77 6.18
C VAL A 194 -10.57 -12.26 6.03
N VAL A 195 -9.87 -12.25 7.17
CA VAL A 195 -8.52 -12.82 7.25
C VAL A 195 -8.62 -14.13 8.04
N VAL A 196 -8.12 -15.21 7.45
N VAL A 196 -8.13 -15.22 7.46
CA VAL A 196 -8.05 -16.52 8.07
CA VAL A 196 -8.10 -16.55 8.07
C VAL A 196 -6.67 -17.07 7.88
C VAL A 196 -6.71 -17.10 7.89
N ARG A 197 -5.81 -16.72 8.82
CA ARG A 197 -4.39 -17.08 8.77
C ARG A 197 -4.10 -18.13 9.86
N ALA A 198 -2.85 -18.54 9.92
CA ALA A 198 -2.40 -19.48 10.97
C ALA A 198 -1.03 -19.05 11.45
N ILE A 199 -0.68 -19.48 12.68
CA ILE A 199 0.48 -18.95 13.34
C ILE A 199 1.74 -19.71 13.00
N SER A 200 2.76 -18.99 12.54
CA SER A 200 4.07 -19.54 12.25
C SER A 200 5.14 -19.30 13.31
N ASP A 201 4.89 -18.30 14.16
CA ASP A 201 5.92 -17.85 15.09
C ASP A 201 5.26 -16.93 16.06
N VAL A 202 6.02 -16.58 17.13
CA VAL A 202 5.54 -15.61 18.17
C VAL A 202 6.24 -14.28 18.10
N ALA A 203 6.77 -13.95 16.93
CA ALA A 203 7.23 -12.56 16.70
C ALA A 203 8.33 -12.15 17.69
N ASP A 204 9.21 -13.07 18.00
CA ASP A 204 10.37 -12.80 18.90
C ASP A 204 11.68 -12.95 18.15
N LYS A 205 12.81 -12.79 18.85
CA LYS A 205 14.09 -12.76 18.20
C LYS A 205 14.47 -14.01 17.42
N GLU A 206 13.93 -15.15 17.85
N GLU A 206 13.89 -15.12 17.84
CA GLU A 206 14.22 -16.45 17.18
CA GLU A 206 14.14 -16.42 17.22
C GLU A 206 13.32 -16.61 15.94
C GLU A 206 13.16 -16.70 16.07
N SER A 207 12.23 -15.83 15.88
N SER A 207 12.17 -15.81 15.85
CA SER A 207 11.19 -16.07 14.90
CA SER A 207 11.18 -16.11 14.83
C SER A 207 11.64 -16.01 13.43
C SER A 207 11.70 -16.06 13.40
N PRO A 208 12.56 -15.10 13.06
CA PRO A 208 12.98 -15.08 11.65
C PRO A 208 13.66 -16.36 11.21
N MET A 209 14.37 -17.01 12.10
CA MET A 209 15.05 -18.25 11.82
C MET A 209 14.19 -19.49 11.79
N SER A 210 13.14 -19.47 12.57
CA SER A 210 12.23 -20.59 12.63
C SER A 210 11.03 -20.46 11.73
N PHE A 211 10.80 -19.28 11.15
CA PHE A 211 9.66 -19.04 10.27
C PHE A 211 9.54 -20.11 9.19
N ASP A 212 10.65 -20.34 8.51
CA ASP A 212 10.68 -21.25 7.38
C ASP A 212 10.27 -22.70 7.77
N GLU A 213 10.61 -23.13 8.98
CA GLU A 213 10.25 -24.49 9.40
C GLU A 213 8.78 -24.64 9.69
N PHE A 214 8.10 -23.53 10.10
CA PHE A 214 6.70 -23.56 10.48
C PHE A 214 5.77 -23.04 9.40
N LEU A 215 6.30 -22.42 8.36
CA LEU A 215 5.45 -21.91 7.28
C LEU A 215 4.60 -23.03 6.65
N PRO A 216 5.15 -24.26 6.45
CA PRO A 216 4.29 -25.31 5.86
C PRO A 216 3.11 -25.63 6.74
N LEU A 217 3.33 -25.69 8.07
CA LEU A 217 2.23 -25.93 8.99
C LEU A 217 1.20 -24.85 8.90
N ALA A 218 1.66 -23.60 8.93
CA ALA A 218 0.72 -22.48 8.86
C ALA A 218 -0.07 -22.45 7.56
N ALA A 219 0.63 -22.68 6.47
CA ALA A 219 -0.04 -22.73 5.15
C ALA A 219 -1.05 -23.86 5.10
N GLN A 220 -0.70 -25.03 5.66
CA GLN A 220 -1.64 -26.16 5.65
C GLN A 220 -2.90 -25.80 6.43
N SER A 221 -2.77 -25.23 7.63
N SER A 221 -2.73 -25.22 7.61
CA SER A 221 -3.94 -24.94 8.45
CA SER A 221 -3.80 -24.90 8.50
C SER A 221 -4.82 -23.91 7.76
C SER A 221 -4.73 -23.84 7.89
N SER A 222 -4.21 -22.79 7.36
N SER A 222 -4.11 -22.78 7.35
CA SER A 222 -4.97 -21.72 6.80
CA SER A 222 -4.89 -21.71 6.76
C SER A 222 -5.59 -22.15 5.45
C SER A 222 -5.60 -22.21 5.49
N SER A 223 -4.88 -22.95 4.66
CA SER A 223 -5.47 -23.45 3.42
C SER A 223 -6.66 -24.36 3.65
N GLU A 224 -6.59 -25.19 4.69
CA GLU A 224 -7.67 -26.12 4.96
C GLU A 224 -8.90 -25.29 5.38
N MET A 225 -8.70 -24.22 6.19
CA MET A 225 -9.79 -23.32 6.49
C MET A 225 -10.43 -22.75 5.23
N VAL A 226 -9.62 -22.21 4.35
CA VAL A 226 -10.15 -21.52 3.18
C VAL A 226 -10.86 -22.54 2.25
N LEU A 227 -10.32 -23.75 2.08
CA LEU A 227 -10.99 -24.73 1.27
C LEU A 227 -12.33 -25.03 1.85
N ASN A 228 -12.41 -25.24 3.18
CA ASN A 228 -13.70 -25.57 3.82
C ASN A 228 -14.65 -24.40 3.61
N MET A 229 -14.17 -23.19 3.73
CA MET A 229 -15.05 -21.94 3.57
C MET A 229 -15.58 -21.85 2.14
N VAL A 230 -14.76 -22.03 1.13
CA VAL A 230 -15.26 -21.83 -0.19
C VAL A 230 -16.29 -22.91 -0.50
N THR A 231 -16.09 -24.15 -0.04
CA THR A 231 -17.02 -25.20 -0.26
C THR A 231 -18.38 -24.84 0.38
N LEU A 232 -18.37 -24.24 1.58
CA LEU A 232 -19.56 -23.77 2.25
C LEU A 232 -20.31 -22.66 1.53
N LEU A 233 -19.54 -21.84 0.78
CA LEU A 233 -20.05 -20.74 0.04
C LEU A 233 -20.53 -21.10 -1.42
N LYS A 234 -20.34 -22.34 -1.90
CA LYS A 234 -20.76 -22.81 -3.26
C LYS A 234 -22.32 -22.82 -3.37
N ASN B 2 -1.67 8.46 -31.71
CA ASN B 2 -1.03 8.07 -30.41
C ASN B 2 -0.15 9.15 -29.85
N ALA B 3 -0.31 9.41 -28.57
CA ALA B 3 0.54 10.36 -27.81
C ALA B 3 0.82 9.85 -26.42
N MET B 4 1.91 10.24 -25.80
N MET B 4 1.91 10.31 -25.86
CA MET B 4 2.20 9.81 -24.40
CA MET B 4 2.21 10.14 -24.45
C MET B 4 1.06 10.25 -23.49
C MET B 4 0.96 10.41 -23.62
N LYS B 5 0.62 9.36 -22.60
N LYS B 5 0.66 9.52 -22.67
CA LYS B 5 -0.40 9.69 -21.64
CA LYS B 5 -0.38 9.76 -21.71
C LYS B 5 0.26 9.89 -20.27
C LYS B 5 0.26 9.91 -20.30
N ILE B 6 0.18 11.10 -19.73
CA ILE B 6 0.93 11.43 -18.52
C ILE B 6 0.01 11.34 -17.29
N GLY B 7 0.33 10.39 -16.40
CA GLY B 7 -0.37 10.35 -15.15
C GLY B 7 0.24 11.33 -14.14
N ILE B 8 -0.63 11.98 -13.40
CA ILE B 8 -0.19 12.93 -12.39
C ILE B 8 -0.96 12.54 -11.12
N ILE B 9 -0.24 12.34 -10.01
N ILE B 9 -0.26 12.27 -10.02
CA ILE B 9 -0.86 11.84 -8.79
CA ILE B 9 -0.98 11.83 -8.79
C ILE B 9 -0.62 12.86 -7.67
C ILE B 9 -0.64 12.79 -7.65
N GLY B 10 -1.69 13.27 -7.02
CA GLY B 10 -1.58 14.00 -5.79
C GLY B 10 -2.56 13.39 -4.76
N ALA B 11 -2.21 13.46 -3.50
CA ALA B 11 -3.02 12.82 -2.46
C ALA B 11 -4.26 13.56 -2.10
N MET B 12 -4.16 14.89 -1.98
CA MET B 12 -5.21 15.70 -1.37
C MET B 12 -5.88 16.58 -2.43
N GLU B 13 -7.14 16.98 -2.12
CA GLU B 13 -7.81 17.93 -2.96
C GLU B 13 -7.00 19.17 -3.29
N GLN B 14 -6.38 19.75 -2.32
CA GLN B 14 -5.65 20.99 -2.54
C GLN B 14 -4.42 20.78 -3.43
N GLU B 15 -3.89 19.56 -3.42
CA GLU B 15 -2.72 19.23 -4.25
C GLU B 15 -3.05 19.07 -5.70
N VAL B 16 -4.31 18.73 -6.01
CA VAL B 16 -4.69 18.54 -7.41
C VAL B 16 -5.52 19.69 -7.99
N ALA B 17 -6.01 20.61 -7.13
CA ALA B 17 -7.03 21.57 -7.56
C ALA B 17 -6.49 22.54 -8.58
N ILE B 18 -5.23 22.95 -8.46
CA ILE B 18 -4.68 23.93 -9.39
C ILE B 18 -4.56 23.37 -10.77
N LEU B 19 -4.04 22.17 -10.89
CA LEU B 19 -3.96 21.49 -12.17
C LEU B 19 -5.33 21.14 -12.73
N LYS B 20 -6.25 20.70 -11.88
CA LYS B 20 -7.57 20.31 -12.35
C LYS B 20 -8.23 21.44 -13.14
N ASP B 21 -8.15 22.67 -12.63
CA ASP B 21 -8.81 23.78 -13.32
C ASP B 21 -8.15 24.17 -14.61
N LYS B 22 -6.91 23.72 -14.88
N LYS B 22 -6.91 23.72 -14.88
CA LYS B 22 -6.23 24.01 -16.13
CA LYS B 22 -6.22 24.00 -16.15
C LYS B 22 -6.55 23.01 -17.21
C LYS B 22 -6.46 22.98 -17.21
N ILE B 23 -7.06 21.82 -16.84
CA ILE B 23 -7.35 20.81 -17.82
C ILE B 23 -8.45 21.28 -18.79
N GLU B 24 -8.19 21.04 -20.07
N GLU B 24 -8.19 21.04 -20.07
CA GLU B 24 -9.16 21.25 -21.13
CA GLU B 24 -9.19 21.25 -21.11
C GLU B 24 -9.78 19.93 -21.53
C GLU B 24 -9.78 19.92 -21.56
N GLY B 25 -11.05 19.99 -21.98
CA GLY B 25 -11.83 18.83 -22.34
C GLY B 25 -11.90 17.79 -21.20
N LEU B 26 -12.16 18.29 -20.01
CA LEU B 26 -12.12 17.52 -18.80
C LEU B 26 -13.27 16.52 -18.78
N SER B 27 -12.96 15.30 -18.29
CA SER B 27 -13.95 14.32 -17.86
C SER B 27 -13.47 13.75 -16.51
N THR B 28 -14.44 13.39 -15.68
CA THR B 28 -14.19 12.96 -14.32
C THR B 28 -14.80 11.58 -14.09
N VAL B 29 -14.08 10.71 -13.37
CA VAL B 29 -14.70 9.52 -12.85
C VAL B 29 -14.09 9.27 -11.45
N THR B 30 -14.91 8.59 -10.64
CA THR B 30 -14.50 8.21 -9.31
C THR B 30 -14.60 6.68 -9.17
N LYS B 31 -13.61 6.07 -8.54
CA LYS B 31 -13.58 4.61 -8.30
C LYS B 31 -12.74 4.38 -7.10
N ALA B 32 -13.21 3.53 -6.18
CA ALA B 32 -12.44 3.14 -5.01
C ALA B 32 -11.92 4.29 -4.20
N GLY B 33 -12.70 5.32 -4.10
CA GLY B 33 -12.27 6.45 -3.29
C GLY B 33 -11.24 7.37 -4.01
N CYS B 34 -10.97 7.08 -5.26
CA CYS B 34 -10.08 7.88 -6.09
C CYS B 34 -10.84 8.70 -7.08
N THR B 35 -10.34 9.89 -7.42
CA THR B 35 -10.93 10.72 -8.47
C THR B 35 -9.93 10.90 -9.57
N PHE B 36 -10.41 10.69 -10.81
CA PHE B 36 -9.54 10.77 -11.99
C PHE B 36 -10.10 11.87 -12.89
N TYR B 37 -9.24 12.82 -13.25
CA TYR B 37 -9.55 13.95 -14.10
C TYR B 37 -8.77 13.81 -15.41
N THR B 38 -9.49 13.56 -16.52
CA THR B 38 -8.83 13.22 -17.79
C THR B 38 -9.07 14.40 -18.78
N GLY B 39 -7.99 14.76 -19.49
CA GLY B 39 -8.12 15.78 -20.51
C GLY B 39 -6.75 16.19 -20.93
N THR B 40 -6.62 17.46 -21.38
CA THR B 40 -5.32 17.94 -21.82
C THR B 40 -4.84 19.08 -20.96
N LEU B 41 -3.52 19.18 -20.84
CA LEU B 41 -2.89 20.29 -20.15
C LEU B 41 -1.83 20.82 -21.10
N ASN B 42 -2.06 22.03 -21.61
CA ASN B 42 -1.26 22.61 -22.68
C ASN B 42 -0.99 21.61 -23.80
N GLY B 43 -2.05 20.94 -24.21
CA GLY B 43 -1.99 19.97 -25.29
C GLY B 43 -1.42 18.60 -24.95
N ALA B 44 -0.90 18.40 -23.72
CA ALA B 44 -0.43 17.08 -23.28
C ALA B 44 -1.66 16.29 -22.82
N ASP B 45 -1.69 15.02 -23.16
CA ASP B 45 -2.78 14.10 -22.65
C ASP B 45 -2.43 13.70 -21.23
N VAL B 46 -3.33 14.01 -20.29
CA VAL B 46 -3.05 13.75 -18.89
C VAL B 46 -4.21 13.00 -18.27
N VAL B 47 -3.88 12.26 -17.20
CA VAL B 47 -4.88 11.75 -16.26
C VAL B 47 -4.38 12.13 -14.87
N LEU B 48 -5.13 13.06 -14.23
CA LEU B 48 -4.79 13.60 -12.92
C LEU B 48 -5.58 12.85 -11.88
N LEU B 49 -4.91 12.21 -10.95
CA LEU B 49 -5.50 11.37 -9.89
C LEU B 49 -5.38 12.05 -8.53
N GLN B 50 -6.51 12.14 -7.84
CA GLN B 50 -6.53 12.49 -6.41
C GLN B 50 -6.65 11.15 -5.67
N SER B 51 -5.55 10.65 -5.09
CA SER B 51 -5.52 9.29 -4.57
C SER B 51 -6.05 9.12 -3.15
N GLY B 52 -5.96 10.13 -2.32
CA GLY B 52 -6.00 9.95 -0.91
C GLY B 52 -4.59 9.81 -0.34
N ILE B 53 -4.52 9.98 0.98
CA ILE B 53 -3.27 9.96 1.71
C ILE B 53 -2.85 8.56 2.10
N GLY B 54 -1.55 8.34 2.06
CA GLY B 54 -0.92 7.14 2.63
C GLY B 54 -0.63 6.08 1.57
N LYS B 55 0.09 5.03 2.03
CA LYS B 55 0.67 4.11 1.11
C LYS B 55 -0.38 3.23 0.39
N VAL B 56 -1.38 2.74 1.14
CA VAL B 56 -2.36 1.91 0.51
C VAL B 56 -3.20 2.71 -0.49
N ALA B 57 -3.69 3.87 -0.07
CA ALA B 57 -4.49 4.63 -0.99
C ALA B 57 -3.73 4.96 -2.25
N ALA B 58 -2.45 5.35 -2.13
CA ALA B 58 -1.65 5.67 -3.30
C ALA B 58 -1.45 4.45 -4.18
N ALA B 59 -1.23 3.27 -3.57
CA ALA B 59 -1.07 2.07 -4.37
C ALA B 59 -2.35 1.69 -5.12
N VAL B 60 -3.48 1.83 -4.48
CA VAL B 60 -4.77 1.52 -5.14
C VAL B 60 -4.91 2.46 -6.34
N GLY B 61 -4.69 3.77 -6.11
CA GLY B 61 -4.88 4.70 -7.17
C GLY B 61 -3.92 4.55 -8.28
N THR B 62 -2.64 4.31 -7.98
CA THR B 62 -1.64 4.15 -9.01
C THR B 62 -1.93 2.92 -9.84
N THR B 63 -2.35 1.82 -9.19
CA THR B 63 -2.72 0.63 -9.91
C THR B 63 -3.84 0.90 -10.92
N LEU B 64 -4.89 1.58 -10.47
CA LEU B 64 -5.95 1.94 -11.43
C LEU B 64 -5.47 2.85 -12.51
N LEU B 65 -4.62 3.83 -12.15
CA LEU B 65 -4.13 4.79 -13.13
C LEU B 65 -3.39 4.11 -14.26
N ILE B 66 -2.56 3.14 -13.93
CA ILE B 66 -1.80 2.40 -14.92
C ILE B 66 -2.66 1.35 -15.64
N ALA B 67 -3.34 0.51 -14.87
CA ALA B 67 -4.03 -0.63 -15.46
C ALA B 67 -5.30 -0.19 -16.21
N GLU B 68 -6.05 0.72 -15.66
CA GLU B 68 -7.32 1.14 -16.26
C GLU B 68 -7.26 2.42 -17.07
N HIS B 69 -6.41 3.34 -16.70
CA HIS B 69 -6.34 4.64 -17.39
C HIS B 69 -5.19 4.70 -18.35
N ASN B 70 -4.35 3.67 -18.43
CA ASN B 70 -3.39 3.50 -19.52
C ASN B 70 -2.31 4.55 -19.57
N VAL B 71 -1.92 5.09 -18.44
CA VAL B 71 -0.86 6.09 -18.44
C VAL B 71 0.48 5.44 -18.75
N ASP B 72 1.36 6.24 -19.39
CA ASP B 72 2.69 5.79 -19.77
C ASP B 72 3.78 6.15 -18.78
N VAL B 73 3.58 7.25 -18.03
CA VAL B 73 4.53 7.75 -17.02
C VAL B 73 3.69 8.27 -15.89
N VAL B 74 4.32 8.41 -14.72
CA VAL B 74 3.69 8.95 -13.53
C VAL B 74 4.55 10.03 -12.88
N LEU B 75 3.90 11.19 -12.70
CA LEU B 75 4.48 12.35 -11.96
C LEU B 75 3.75 12.47 -10.66
N ASN B 76 4.43 12.46 -9.52
CA ASN B 76 3.78 12.61 -8.22
C ASN B 76 4.03 14.06 -7.74
N THR B 77 2.93 14.75 -7.50
CA THR B 77 2.86 16.18 -7.10
C THR B 77 2.40 16.27 -5.65
N GLY B 78 2.68 17.40 -5.03
CA GLY B 78 2.10 17.73 -3.75
C GLY B 78 3.15 18.23 -2.77
N SER B 79 2.81 18.08 -1.48
CA SER B 79 3.58 18.59 -0.38
C SER B 79 4.49 17.49 0.22
N ALA B 80 5.52 17.94 0.94
CA ALA B 80 6.46 17.02 1.61
C ALA B 80 7.06 17.77 2.79
N GLY B 81 7.61 16.97 3.72
CA GLY B 81 8.32 17.51 4.89
C GLY B 81 9.78 17.54 4.63
N GLY B 82 10.40 18.75 4.77
CA GLY B 82 11.81 18.88 4.43
C GLY B 82 12.76 18.33 5.50
N PHE B 83 13.79 17.64 5.00
CA PHE B 83 14.90 17.14 5.83
C PHE B 83 16.23 17.82 5.47
N ASP B 84 16.49 18.11 4.18
CA ASP B 84 17.73 18.75 3.79
C ASP B 84 17.77 20.16 4.31
N SER B 85 18.91 20.54 4.89
CA SER B 85 19.07 21.83 5.57
C SER B 85 18.95 23.05 4.63
N SER B 86 19.11 22.88 3.32
CA SER B 86 18.95 23.98 2.40
C SER B 86 17.54 24.30 2.02
N LEU B 87 16.62 23.41 2.38
CA LEU B 87 15.27 23.65 1.92
C LEU B 87 14.49 24.63 2.78
N ASN B 88 13.82 25.57 2.15
CA ASN B 88 12.87 26.48 2.77
C ASN B 88 11.46 26.13 2.35
N LEU B 89 10.49 26.64 3.10
CA LEU B 89 9.07 26.44 2.71
C LEU B 89 8.83 26.86 1.29
N GLY B 90 8.13 26.01 0.54
CA GLY B 90 7.83 26.25 -0.83
C GLY B 90 8.87 25.77 -1.82
N ASP B 91 10.08 25.35 -1.34
CA ASP B 91 11.11 24.91 -2.25
C ASP B 91 10.72 23.51 -2.82
N VAL B 92 11.25 23.21 -3.98
CA VAL B 92 10.97 21.96 -4.69
C VAL B 92 11.92 20.87 -4.30
N VAL B 93 11.38 19.63 -4.26
CA VAL B 93 12.19 18.44 -4.13
C VAL B 93 11.91 17.55 -5.32
N ILE B 94 12.95 17.05 -5.92
CA ILE B 94 12.95 16.13 -7.05
C ILE B 94 13.57 14.83 -6.61
N SER B 95 12.83 13.72 -6.77
CA SER B 95 13.42 12.44 -6.40
C SER B 95 14.47 11.94 -7.38
N THR B 96 15.65 11.57 -6.87
CA THR B 96 16.54 10.68 -7.59
C THR B 96 16.08 9.22 -7.42
N GLU B 97 15.59 8.94 -6.23
CA GLU B 97 15.15 7.57 -5.85
C GLU B 97 14.23 7.75 -4.66
N VAL B 98 13.49 6.69 -4.39
CA VAL B 98 12.55 6.65 -3.26
C VAL B 98 12.72 5.34 -2.51
N ARG B 99 12.57 5.44 -1.19
CA ARG B 99 12.60 4.24 -0.30
C ARG B 99 11.45 4.36 0.73
N HIS B 100 10.99 3.20 1.18
CA HIS B 100 10.15 3.13 2.37
C HIS B 100 10.97 3.34 3.62
N HIS B 101 10.79 4.41 4.35
CA HIS B 101 11.51 4.56 5.59
C HIS B 101 11.02 3.68 6.72
N ASP B 102 9.82 3.15 6.55
CA ASP B 102 9.14 2.36 7.59
C ASP B 102 9.07 0.88 7.26
N ALA B 103 9.80 0.40 6.28
CA ALA B 103 9.86 -1.04 6.03
C ALA B 103 11.07 -1.63 6.74
N ASP B 104 10.90 -2.78 7.39
CA ASP B 104 12.00 -3.47 8.06
C ASP B 104 11.78 -5.00 8.01
N VAL B 105 12.52 -5.60 7.10
CA VAL B 105 12.66 -7.08 7.05
C VAL B 105 14.14 -7.44 7.09
N THR B 106 14.87 -6.66 7.86
CA THR B 106 16.34 -6.89 7.99
C THR B 106 16.71 -8.25 8.51
N ALA B 107 15.90 -8.82 9.34
CA ALA B 107 16.33 -10.13 9.89
C ALA B 107 16.43 -11.22 8.80
N PHE B 108 15.75 -11.02 7.65
CA PHE B 108 15.88 -11.89 6.51
C PHE B 108 16.95 -11.54 5.53
N GLY B 109 17.76 -10.53 5.87
CA GLY B 109 18.91 -10.17 5.08
C GLY B 109 18.73 -8.96 4.20
N TYR B 110 17.52 -8.43 4.12
CA TYR B 110 17.26 -7.23 3.34
C TYR B 110 17.91 -6.04 4.03
N GLU B 111 18.13 -4.99 3.27
CA GLU B 111 18.61 -3.77 3.93
C GLU B 111 17.45 -2.98 4.53
N MET B 112 17.73 -2.06 5.45
CA MET B 112 16.68 -1.27 6.05
C MET B 112 15.92 -0.55 4.98
N GLY B 113 14.62 -0.58 5.08
CA GLY B 113 13.74 0.08 4.13
C GLY B 113 13.39 -0.74 2.93
N GLN B 114 14.11 -1.82 2.66
CA GLN B 114 13.79 -2.66 1.55
C GLN B 114 12.69 -3.64 1.90
N MET B 115 11.62 -3.64 1.10
CA MET B 115 10.55 -4.62 1.29
C MET B 115 11.02 -5.94 0.70
N ALA B 116 10.58 -7.05 1.32
CA ALA B 116 10.86 -8.34 0.77
C ALA B 116 10.38 -8.42 -0.67
N GLN B 117 11.18 -9.07 -1.50
CA GLN B 117 10.85 -9.32 -2.91
C GLN B 117 10.89 -8.04 -3.76
N GLN B 118 11.41 -6.95 -3.22
CA GLN B 118 11.48 -5.66 -3.90
C GLN B 118 12.93 -5.19 -3.88
N PRO B 119 13.28 -4.30 -4.84
CA PRO B 119 14.59 -3.64 -4.73
C PRO B 119 14.62 -2.73 -3.50
N ALA B 120 15.83 -2.45 -3.03
CA ALA B 120 16.00 -1.56 -1.90
C ALA B 120 15.50 -0.14 -2.11
N ALA B 121 15.67 0.32 -3.35
CA ALA B 121 15.24 1.67 -3.71
C ALA B 121 14.56 1.61 -5.06
N PHE B 122 13.67 2.58 -5.28
CA PHE B 122 12.99 2.69 -6.57
C PHE B 122 13.61 3.90 -7.26
N ILE B 123 14.13 3.71 -8.44
CA ILE B 123 14.93 4.73 -9.13
C ILE B 123 14.03 5.55 -10.06
N ALA B 124 13.98 6.85 -9.86
CA ALA B 124 13.19 7.71 -10.74
C ALA B 124 13.82 7.74 -12.15
N ASP B 125 12.95 7.97 -13.13
CA ASP B 125 13.36 7.84 -14.50
C ASP B 125 14.25 9.02 -14.91
N GLU B 126 15.33 8.66 -15.58
CA GLU B 126 16.35 9.63 -15.98
C GLU B 126 15.76 10.72 -16.85
N LYS B 127 14.95 10.38 -17.82
CA LYS B 127 14.38 11.38 -18.70
C LYS B 127 13.44 12.26 -17.92
N LEU B 128 12.62 11.70 -17.04
CA LEU B 128 11.72 12.53 -16.26
C LEU B 128 12.47 13.45 -15.32
N ILE B 129 13.61 13.06 -14.79
CA ILE B 129 14.40 13.94 -13.95
C ILE B 129 15.00 15.08 -14.77
N THR B 130 15.46 14.76 -15.95
CA THR B 130 15.95 15.84 -16.86
C THR B 130 14.85 16.86 -17.19
N THR B 131 13.64 16.35 -17.44
CA THR B 131 12.52 17.20 -17.69
C THR B 131 12.20 18.07 -16.49
N ALA B 132 12.26 17.51 -15.29
CA ALA B 132 12.02 18.24 -14.07
C ALA B 132 13.03 19.35 -13.94
N GLU B 133 14.28 19.07 -14.24
CA GLU B 133 15.27 20.14 -14.14
C GLU B 133 15.00 21.30 -15.09
N GLN B 134 14.53 21.01 -16.29
CA GLN B 134 14.20 22.06 -17.23
C GLN B 134 12.96 22.82 -16.78
N ALA B 135 11.98 22.13 -16.22
CA ALA B 135 10.81 22.79 -15.64
C ALA B 135 11.19 23.74 -14.52
N LEU B 136 12.15 23.35 -13.71
CA LEU B 136 12.60 24.14 -12.61
C LEU B 136 13.23 25.43 -13.10
N THR B 137 14.05 25.31 -14.16
CA THR B 137 14.66 26.52 -14.77
C THR B 137 13.61 27.57 -15.28
N GLU B 138 12.45 27.08 -15.74
CA GLU B 138 11.39 27.93 -16.22
C GLU B 138 10.69 28.67 -15.10
N MET B 139 10.87 28.22 -13.84
CA MET B 139 10.34 28.97 -12.70
C MET B 139 11.23 30.16 -12.40
N SER B 140 10.69 31.05 -11.58
CA SER B 140 11.40 32.30 -11.36
C SER B 140 12.12 32.11 -10.06
N ASP B 141 13.41 31.78 -10.17
CA ASP B 141 14.30 31.71 -9.01
C ASP B 141 13.75 30.74 -7.93
N LYS B 142 13.40 29.54 -8.31
CA LYS B 142 12.91 28.53 -7.37
C LYS B 142 14.07 27.61 -7.03
N HIS B 143 14.36 27.49 -5.76
CA HIS B 143 15.34 26.54 -5.26
C HIS B 143 14.77 25.11 -5.18
N ALA B 144 15.61 24.16 -5.55
CA ALA B 144 15.28 22.74 -5.44
C ALA B 144 16.43 21.99 -4.91
N VAL B 145 16.12 20.83 -4.31
CA VAL B 145 17.10 19.81 -3.98
C VAL B 145 16.65 18.52 -4.67
N ARG B 146 17.65 17.78 -5.23
CA ARG B 146 17.41 16.47 -5.85
C ARG B 146 18.01 15.43 -4.95
N GLY B 147 17.29 14.32 -4.74
CA GLY B 147 17.83 13.32 -3.82
C GLY B 147 16.80 12.32 -3.39
N LEU B 148 17.13 11.63 -2.31
CA LEU B 148 16.31 10.52 -1.81
C LEU B 148 15.07 11.10 -1.09
N ILE B 149 13.90 10.61 -1.50
CA ILE B 149 12.65 10.87 -0.80
C ILE B 149 12.24 9.57 -0.10
N CYS B 150 11.86 9.71 1.19
CA CYS B 150 11.48 8.55 2.01
C CYS B 150 10.04 8.66 2.40
N THR B 151 9.33 7.51 2.27
CA THR B 151 7.93 7.48 2.54
C THR B 151 7.61 6.56 3.73
N GLY B 152 6.60 6.94 4.47
CA GLY B 152 6.01 6.03 5.47
C GLY B 152 4.62 6.42 5.77
N ASP B 153 3.87 5.55 6.46
CA ASP B 153 2.51 5.81 6.87
C ASP B 153 2.45 6.63 8.14
N VAL B 154 3.19 7.74 8.15
CA VAL B 154 3.30 8.59 9.32
C VAL B 154 3.50 10.05 8.83
N PHE B 155 2.84 10.98 9.50
CA PHE B 155 3.16 12.38 9.37
C PHE B 155 4.23 12.69 10.40
N VAL B 156 5.45 12.89 9.93
CA VAL B 156 6.61 13.00 10.82
C VAL B 156 6.61 14.36 11.49
N CYS B 157 6.66 14.32 12.83
CA CYS B 157 6.56 15.57 13.60
C CYS B 157 7.20 15.48 14.98
N THR B 158 8.11 14.55 15.18
CA THR B 158 8.80 14.41 16.44
C THR B 158 10.29 14.28 16.16
N PRO B 159 11.11 14.75 17.13
CA PRO B 159 12.56 14.58 16.94
C PRO B 159 12.98 13.11 16.95
N GLU B 160 12.26 12.26 17.66
CA GLU B 160 12.61 10.85 17.72
C GLU B 160 12.43 10.17 16.36
N ARG B 161 11.34 10.53 15.67
CA ARG B 161 11.12 9.92 14.37
C ARG B 161 12.06 10.50 13.32
N GLN B 162 12.33 11.82 13.40
CA GLN B 162 13.38 12.34 12.49
C GLN B 162 14.74 11.68 12.71
N GLU B 163 15.13 11.47 13.95
CA GLU B 163 16.38 10.84 14.24
C GLU B 163 16.42 9.40 13.72
N PHE B 164 15.32 8.63 13.85
CA PHE B 164 15.30 7.26 13.33
C PHE B 164 15.53 7.30 11.81
N ILE B 165 14.82 8.18 11.12
CA ILE B 165 14.91 8.25 9.66
C ILE B 165 16.33 8.63 9.25
N ARG B 166 16.89 9.66 9.89
CA ARG B 166 18.27 10.05 9.56
C ARG B 166 19.28 8.99 9.89
N THR B 167 19.08 8.22 10.96
CA THR B 167 19.99 7.16 11.36
C THR B 167 20.08 6.18 10.20
N HIS B 168 18.92 5.78 9.65
CA HIS B 168 18.91 4.67 8.67
C HIS B 168 19.03 5.15 7.23
N PHE B 169 18.65 6.41 6.99
CA PHE B 169 18.66 6.98 5.65
C PHE B 169 19.30 8.38 5.66
N PRO B 170 20.62 8.44 5.91
CA PRO B 170 21.27 9.71 6.16
C PRO B 170 21.18 10.66 5.01
N SER B 171 21.00 10.23 3.77
CA SER B 171 20.89 11.15 2.64
C SER B 171 19.48 11.63 2.35
N VAL B 172 18.50 11.28 3.19
CA VAL B 172 17.13 11.72 2.91
C VAL B 172 17.04 13.23 2.76
N ILE B 173 16.27 13.68 1.76
CA ILE B 173 16.03 15.12 1.60
C ILE B 173 14.65 15.55 2.07
N ALA B 174 13.66 14.65 2.04
CA ALA B 174 12.31 14.99 2.39
C ALA B 174 11.55 13.67 2.66
N VAL B 175 10.47 13.79 3.40
CA VAL B 175 9.61 12.67 3.70
C VAL B 175 8.17 13.00 3.28
N GLU B 176 7.42 11.97 3.00
CA GLU B 176 6.01 12.10 2.70
C GLU B 176 5.36 10.72 2.90
N MET B 177 4.13 10.55 2.41
CA MET B 177 3.31 9.39 2.78
C MET B 177 2.83 8.55 1.62
N GLU B 178 3.17 8.90 0.37
CA GLU B 178 2.76 8.12 -0.79
C GLU B 178 3.86 7.70 -1.74
N ALA B 179 4.97 8.43 -1.83
CA ALA B 179 5.87 8.24 -2.97
C ALA B 179 6.37 6.82 -3.12
N SER B 180 6.78 6.16 -2.04
CA SER B 180 7.32 4.81 -2.19
C SER B 180 6.24 3.83 -2.65
N ALA B 181 4.98 4.08 -2.31
CA ALA B 181 3.89 3.25 -2.81
C ALA B 181 3.69 3.44 -4.30
N ILE B 182 3.69 4.73 -4.71
CA ILE B 182 3.58 5.03 -6.11
C ILE B 182 4.77 4.42 -6.86
N ALA B 183 5.98 4.61 -6.33
CA ALA B 183 7.17 4.13 -6.99
C ALA B 183 7.25 2.58 -7.06
N GLN B 184 6.86 1.91 -5.94
CA GLN B 184 6.82 0.44 -5.96
C GLN B 184 5.83 -0.04 -6.98
N THR B 185 4.63 0.57 -6.98
CA THR B 185 3.60 0.16 -7.94
C THR B 185 4.11 0.36 -9.37
N CYS B 186 4.73 1.51 -9.61
CA CYS B 186 5.32 1.75 -10.95
C CYS B 186 6.41 0.73 -11.31
N HIS B 187 7.21 0.35 -10.31
CA HIS B 187 8.24 -0.69 -10.52
C HIS B 187 7.56 -1.98 -10.99
N GLN B 188 6.51 -2.35 -10.29
CA GLN B 188 5.83 -3.60 -10.58
C GLN B 188 5.21 -3.59 -11.98
N PHE B 189 4.75 -2.42 -12.40
CA PHE B 189 4.17 -2.20 -13.71
C PHE B 189 5.20 -1.75 -14.77
N ASN B 190 6.47 -1.71 -14.43
N ASN B 190 6.47 -1.69 -14.45
CA ASN B 190 7.51 -1.23 -15.34
CA ASN B 190 7.50 -1.20 -15.38
C ASN B 190 7.08 0.12 -15.99
C ASN B 190 7.18 0.17 -15.98
N THR B 191 6.68 1.07 -15.17
CA THR B 191 6.24 2.40 -15.61
C THR B 191 7.20 3.45 -15.03
N PRO B 192 7.74 4.35 -15.87
CA PRO B 192 8.60 5.45 -15.34
C PRO B 192 7.87 6.33 -14.39
N PHE B 193 8.60 6.82 -13.37
CA PHE B 193 8.04 7.80 -12.43
C PHE B 193 9.06 8.86 -12.04
N VAL B 194 8.55 9.98 -11.50
CA VAL B 194 9.36 10.93 -10.75
C VAL B 194 8.47 11.59 -9.72
N VAL B 195 9.07 12.00 -8.59
CA VAL B 195 8.39 12.79 -7.58
C VAL B 195 8.88 14.21 -7.71
N VAL B 196 7.94 15.15 -7.77
N VAL B 196 7.94 15.16 -7.86
CA VAL B 196 8.25 16.58 -7.85
CA VAL B 196 8.20 16.62 -7.90
C VAL B 196 7.34 17.35 -6.93
C VAL B 196 7.23 17.25 -6.91
N ARG B 197 7.69 17.33 -5.68
CA ARG B 197 6.90 17.87 -4.58
C ARG B 197 7.51 19.20 -4.11
N ALA B 198 6.88 19.83 -3.13
CA ALA B 198 7.42 21.06 -2.57
C ALA B 198 7.16 21.03 -1.06
N ILE B 199 7.91 21.88 -0.36
CA ILE B 199 8.02 21.77 1.10
C ILE B 199 6.94 22.56 1.80
N SER B 200 6.16 21.91 2.67
CA SER B 200 5.17 22.52 3.51
C SER B 200 5.56 22.77 4.95
N ASP B 201 6.61 22.08 5.40
CA ASP B 201 7.00 22.04 6.77
C ASP B 201 8.34 21.33 6.86
N VAL B 202 8.94 21.39 8.06
CA VAL B 202 10.24 20.69 8.29
C VAL B 202 10.11 19.52 9.29
N ALA B 203 8.93 18.93 9.34
CA ALA B 203 8.74 17.65 10.00
C ALA B 203 9.11 17.64 11.47
N ASP B 204 8.79 18.73 12.15
CA ASP B 204 9.07 18.96 13.53
C ASP B 204 7.80 19.15 14.36
N LYS B 205 7.94 19.46 15.62
CA LYS B 205 6.78 19.54 16.49
C LYS B 205 5.85 20.71 16.13
N GLU B 206 6.31 21.67 15.35
CA GLU B 206 5.49 22.76 14.87
C GLU B 206 4.72 22.41 13.59
N SER B 207 5.07 21.34 12.96
N SER B 207 5.09 21.36 12.91
CA SER B 207 4.60 21.04 11.65
CA SER B 207 4.51 21.05 11.61
C SER B 207 3.11 20.65 11.58
C SER B 207 3.04 20.74 11.62
N PRO B 208 2.52 19.99 12.63
CA PRO B 208 1.10 19.67 12.57
C PRO B 208 0.16 20.88 12.48
N MET B 209 0.53 21.94 13.13
N MET B 209 0.57 21.89 13.22
CA MET B 209 -0.38 23.05 13.19
CA MET B 209 -0.18 23.14 13.36
C MET B 209 0.00 24.14 12.21
C MET B 209 -0.02 24.05 12.16
N SER B 210 1.16 24.05 11.52
CA SER B 210 1.48 24.93 10.41
C SER B 210 1.34 24.37 9.00
N PHE B 211 1.20 23.06 8.88
CA PHE B 211 1.01 22.42 7.61
C PHE B 211 -0.08 23.09 6.78
N ASP B 212 -1.20 23.36 7.39
N ASP B 212 -1.21 23.36 7.41
CA ASP B 212 -2.32 23.90 6.61
CA ASP B 212 -2.35 23.90 6.67
C ASP B 212 -1.96 25.25 6.01
C ASP B 212 -2.11 25.32 6.13
N GLU B 213 -1.23 26.08 6.76
CA GLU B 213 -0.92 27.44 6.23
C GLU B 213 -0.07 27.36 5.01
N PHE B 214 0.84 26.35 4.91
CA PHE B 214 1.80 26.28 3.82
C PHE B 214 1.44 25.28 2.76
N LEU B 215 0.40 24.46 2.96
CA LEU B 215 -0.01 23.52 1.93
C LEU B 215 -0.30 24.28 0.61
N PRO B 216 -0.98 25.48 0.63
CA PRO B 216 -1.24 26.16 -0.63
C PRO B 216 0.03 26.59 -1.35
N LEU B 217 1.02 27.06 -0.59
CA LEU B 217 2.32 27.38 -1.15
C LEU B 217 2.98 26.17 -1.81
N ALA B 218 3.00 25.06 -1.10
CA ALA B 218 3.61 23.84 -1.64
C ALA B 218 2.84 23.36 -2.90
N ALA B 219 1.53 23.40 -2.83
CA ALA B 219 0.73 23.00 -3.99
C ALA B 219 1.04 23.92 -5.18
N GLN B 220 1.20 25.22 -4.92
N GLN B 220 1.10 25.22 -4.95
CA GLN B 220 1.58 26.18 -5.99
CA GLN B 220 1.38 26.13 -6.06
C GLN B 220 2.91 25.81 -6.68
C GLN B 220 2.72 25.79 -6.71
N SER B 221 3.94 25.60 -5.88
N SER B 221 3.72 25.58 -5.87
CA SER B 221 5.25 25.31 -6.44
CA SER B 221 5.05 25.36 -6.33
C SER B 221 5.22 24.01 -7.23
C SER B 221 5.19 24.03 -7.08
N SER B 222 4.74 22.94 -6.59
N SER B 222 4.62 22.98 -6.51
CA SER B 222 4.75 21.64 -7.23
CA SER B 222 4.67 21.66 -7.13
C SER B 222 3.80 21.58 -8.45
C SER B 222 3.85 21.65 -8.42
N SER B 223 2.68 22.29 -8.41
CA SER B 223 1.84 22.34 -9.59
C SER B 223 2.49 23.06 -10.76
N GLU B 224 3.23 24.13 -10.45
CA GLU B 224 3.90 24.88 -11.51
C GLU B 224 5.00 23.97 -12.14
N MET B 225 5.73 23.23 -11.31
CA MET B 225 6.69 22.25 -11.85
C MET B 225 6.01 21.26 -12.80
N VAL B 226 4.89 20.66 -12.36
CA VAL B 226 4.23 19.66 -13.17
C VAL B 226 3.72 20.27 -14.45
N LEU B 227 3.09 21.48 -14.39
CA LEU B 227 2.59 22.08 -15.61
C LEU B 227 3.73 22.31 -16.57
N ASN B 228 4.88 22.81 -16.10
CA ASN B 228 6.04 23.01 -16.97
C ASN B 228 6.53 21.71 -17.58
N MET B 229 6.55 20.69 -16.76
CA MET B 229 6.98 19.37 -17.26
C MET B 229 6.09 18.83 -18.32
N VAL B 230 4.75 18.89 -18.14
CA VAL B 230 3.86 18.27 -19.13
C VAL B 230 3.97 18.94 -20.47
N THR B 231 4.15 20.26 -20.48
N THR B 231 4.12 20.27 -20.37
CA THR B 231 4.32 20.94 -21.76
CA THR B 231 4.26 21.09 -21.52
C THR B 231 5.53 20.38 -22.47
C THR B 231 5.54 20.73 -22.34
N LEU B 232 6.60 20.16 -21.72
CA LEU B 232 7.82 19.59 -22.35
C LEU B 232 7.71 18.15 -22.80
N LEU B 233 6.86 17.35 -22.16
CA LEU B 233 6.81 15.87 -22.34
C LEU B 233 5.82 15.43 -23.36
N LYS B 234 4.94 16.31 -23.78
CA LYS B 234 3.75 15.97 -24.55
C LYS B 234 4.01 15.21 -25.83
#